data_3IRV
#
_entry.id   3IRV
#
_cell.length_a   67.477
_cell.length_b   67.477
_cell.length_c   178.343
_cell.angle_alpha   90.00
_cell.angle_beta   90.00
_cell.angle_gamma   120.00
#
_symmetry.space_group_name_H-M   'P 64 2 2'
#
loop_
_entity.id
_entity.type
_entity.pdbx_description
1 polymer 'CYSTEINE HYDROLASE'
2 non-polymer GLYCEROL
3 non-polymer 'PHOSPHATE ION'
4 water water
#
_entity_poly.entity_id   1
_entity_poly.type   'polypeptide(L)'
_entity_poly.pdbx_seq_one_letter_code
;MSLAEVNPMSKPLVRWPINPLRTAVIVVDMQKVFCEPTGALYVKSTADIVQPIQKLLQAARAAQVMVIYLRHIVRGDGSD
TGRMRDLYPNVDQILARHDPDVEVIEALAPQSDDVIVDKLFYSGFHNTDLDTVLRARDVDTIIVCGTVTNVCCETTIRDG
VHREYKVIALSDANAAMDYPDVGFGAVSAADVQRISLTTIAYEFGEVTTTAEVIRRIESAYPHGREGHHHHHH
;
_entity_poly.pdbx_strand_id   A
#
loop_
_chem_comp.id
_chem_comp.type
_chem_comp.name
_chem_comp.formula
GOL non-polymer GLYCEROL 'C3 H8 O3'
PO4 non-polymer 'PHOSPHATE ION' 'O4 P -3'
#
# COMPACT_ATOMS: atom_id res chain seq x y z
N MET A 9 26.91 1.23 4.67
CA MET A 9 26.03 1.13 5.83
C MET A 9 26.81 1.29 7.13
N SER A 10 26.35 2.19 7.99
CA SER A 10 26.97 2.41 9.29
C SER A 10 26.06 2.05 10.47
N LYS A 11 24.77 1.82 10.18
CA LYS A 11 23.81 1.33 11.17
C LYS A 11 23.08 0.13 10.60
N PRO A 12 22.59 -0.80 11.45
CA PRO A 12 22.06 -2.01 10.83
C PRO A 12 20.70 -1.87 10.18
N LEU A 13 20.42 -2.75 9.23
CA LEU A 13 19.08 -2.88 8.69
C LEU A 13 18.16 -3.38 9.80
N VAL A 14 16.91 -2.92 9.76
CA VAL A 14 15.94 -3.31 10.78
C VAL A 14 15.13 -4.53 10.31
N ARG A 15 14.89 -5.48 11.21
CA ARG A 15 14.03 -6.62 10.92
C ARG A 15 13.01 -6.71 12.05
N TRP A 16 11.74 -6.86 11.70
CA TRP A 16 10.73 -6.98 12.74
C TRP A 16 10.27 -8.42 12.89
N PRO A 17 10.31 -8.93 14.13
CA PRO A 17 9.83 -10.30 14.34
C PRO A 17 8.31 -10.35 14.22
N ILE A 18 7.78 -11.30 13.46
CA ILE A 18 6.37 -11.38 13.17
C ILE A 18 5.60 -12.21 14.22
N ASN A 19 4.68 -11.55 14.91
CA ASN A 19 3.67 -12.21 15.73
C ASN A 19 2.37 -12.11 14.95
N PRO A 20 1.87 -13.24 14.42
CA PRO A 20 0.68 -13.17 13.55
C PRO A 20 -0.53 -12.47 14.19
N LEU A 21 -0.72 -12.66 15.50
CA LEU A 21 -1.82 -12.05 16.25
C LEU A 21 -1.76 -10.52 16.27
N ARG A 22 -0.54 -10.00 16.08
CA ARG A 22 -0.34 -8.56 16.18
C ARG A 22 0.16 -7.96 14.87
N THR A 23 -0.16 -8.63 13.77
CA THR A 23 0.28 -8.22 12.43
C THR A 23 -0.91 -8.06 11.48
N ALA A 24 -0.82 -7.08 10.57
CA ALA A 24 -1.79 -7.01 9.49
C ALA A 24 -1.09 -6.76 8.17
N VAL A 25 -1.72 -7.20 7.09
CA VAL A 25 -1.26 -6.87 5.73
C VAL A 25 -2.11 -5.75 5.21
N ILE A 26 -1.46 -4.73 4.65
CA ILE A 26 -2.19 -3.62 4.07
CA ILE A 26 -2.15 -3.58 4.07
C ILE A 26 -1.94 -3.60 2.55
N VAL A 27 -3.03 -3.75 1.79
CA VAL A 27 -2.95 -3.78 0.32
C VAL A 27 -3.39 -2.40 -0.19
N VAL A 28 -2.42 -1.60 -0.61
CA VAL A 28 -2.69 -0.20 -0.93
C VAL A 28 -3.16 0.00 -2.37
N ASP A 29 -4.42 0.42 -2.51
CA ASP A 29 -4.96 0.97 -3.75
C ASP A 29 -4.78 0.06 -4.98
N MET A 30 -5.01 -1.24 -4.78
CA MET A 30 -5.00 -2.16 -5.94
C MET A 30 -6.36 -2.13 -6.68
N GLN A 31 -6.65 -0.94 -7.18
CA GLN A 31 -7.93 -0.62 -7.80
C GLN A 31 -7.77 -0.61 -9.31
N LYS A 32 -8.90 -0.83 -10.02
CA LYS A 32 -8.82 -0.89 -11.50
C LYS A 32 -8.23 0.38 -12.13
N VAL A 33 -8.51 1.55 -11.53
CA VAL A 33 -8.02 2.82 -12.04
C VAL A 33 -6.47 2.90 -12.10
N PHE A 34 -5.78 2.15 -11.22
CA PHE A 34 -4.30 2.05 -11.23
C PHE A 34 -3.77 0.80 -11.93
N CYS A 35 -4.59 -0.27 -11.98
CA CYS A 35 -4.10 -1.56 -12.43
C CYS A 35 -4.50 -1.96 -13.86
N GLU A 36 -5.58 -1.38 -14.38
CA GLU A 36 -5.98 -1.72 -15.76
C GLU A 36 -5.34 -0.77 -16.75
N PRO A 37 -4.87 -1.28 -17.90
CA PRO A 37 -4.24 -0.43 -18.91
C PRO A 37 -5.12 0.74 -19.38
N THR A 38 -6.43 0.55 -19.33
CA THR A 38 -7.40 1.58 -19.69
C THR A 38 -7.72 2.51 -18.52
N GLY A 39 -7.16 2.23 -17.35
CA GLY A 39 -7.47 3.04 -16.17
C GLY A 39 -6.87 4.43 -16.26
N ALA A 40 -7.59 5.42 -15.73
CA ALA A 40 -7.15 6.80 -15.84
C ALA A 40 -5.80 7.09 -15.13
N LEU A 41 -5.42 6.22 -14.19
CA LEU A 41 -4.19 6.43 -13.44
C LEU A 41 -3.29 5.19 -13.50
N TYR A 42 -3.33 4.52 -14.66
CA TYR A 42 -2.64 3.26 -14.87
C TYR A 42 -1.14 3.33 -14.56
N VAL A 43 -0.68 2.37 -13.75
CA VAL A 43 0.71 2.24 -13.34
C VAL A 43 1.11 0.85 -13.88
N LYS A 44 1.85 0.81 -14.98
CA LYS A 44 2.14 -0.48 -15.64
C LYS A 44 2.88 -1.52 -14.79
N SER A 45 3.71 -1.07 -13.84
CA SER A 45 4.46 -2.01 -12.98
C SER A 45 3.55 -2.78 -12.02
N THR A 46 2.29 -2.37 -11.87
CA THR A 46 1.35 -3.15 -11.04
C THR A 46 1.21 -4.59 -11.55
N ALA A 47 1.38 -4.79 -12.87
CA ALA A 47 1.22 -6.14 -13.43
C ALA A 47 2.14 -7.14 -12.74
N ASP A 48 3.33 -6.67 -12.38
CA ASP A 48 4.37 -7.52 -11.78
C ASP A 48 4.21 -7.80 -10.29
N ILE A 49 3.29 -7.10 -9.64
CA ILE A 49 3.08 -7.34 -8.20
C ILE A 49 1.80 -8.10 -7.82
N VAL A 50 0.95 -8.38 -8.80
CA VAL A 50 -0.29 -9.09 -8.49
C VAL A 50 -0.03 -10.49 -7.92
N GLN A 51 0.84 -11.25 -8.60
CA GLN A 51 1.15 -12.63 -8.15
C GLN A 51 1.75 -12.69 -6.72
N PRO A 52 2.81 -11.90 -6.43
CA PRO A 52 3.30 -11.92 -5.04
C PRO A 52 2.24 -11.52 -4.02
N ILE A 53 1.43 -10.51 -4.33
CA ILE A 53 0.35 -10.16 -3.40
C ILE A 53 -0.65 -11.34 -3.21
N GLN A 54 -1.00 -12.04 -4.29
CA GLN A 54 -1.91 -13.19 -4.16
C GLN A 54 -1.33 -14.25 -3.19
N LYS A 55 -0.04 -14.55 -3.35
CA LYS A 55 0.64 -15.49 -2.45
C LYS A 55 0.63 -14.98 -1.01
N LEU A 56 0.91 -13.70 -0.85
CA LEU A 56 0.92 -13.07 0.47
C LEU A 56 -0.43 -13.19 1.14
N LEU A 57 -1.50 -12.89 0.41
CA LEU A 57 -2.85 -12.90 1.02
C LEU A 57 -3.28 -14.33 1.39
N GLN A 58 -2.94 -15.28 0.54
CA GLN A 58 -3.22 -16.68 0.83
C GLN A 58 -2.51 -17.11 2.13
N ALA A 59 -1.25 -16.73 2.29
CA ALA A 59 -0.51 -17.09 3.53
C ALA A 59 -1.05 -16.37 4.75
N ALA A 60 -1.40 -15.09 4.59
CA ALA A 60 -1.89 -14.28 5.68
C ALA A 60 -3.21 -14.86 6.21
N ARG A 61 -4.15 -15.13 5.31
CA ARG A 61 -5.45 -15.63 5.74
C ARG A 61 -5.30 -17.00 6.42
N ALA A 62 -4.38 -17.82 5.92
CA ALA A 62 -4.12 -19.15 6.52
C ALA A 62 -3.57 -19.03 7.95
N ALA A 63 -2.83 -17.96 8.22
CA ALA A 63 -2.26 -17.77 9.55
C ALA A 63 -3.08 -16.83 10.43
N GLN A 64 -4.27 -16.46 9.97
CA GLN A 64 -5.17 -15.55 10.69
C GLN A 64 -4.53 -14.16 10.87
N VAL A 65 -3.73 -13.77 9.87
CA VAL A 65 -3.14 -12.44 9.84
C VAL A 65 -4.17 -11.57 9.08
N MET A 66 -4.67 -10.51 9.72
CA MET A 66 -5.72 -9.67 9.14
C MET A 66 -5.26 -9.04 7.85
N VAL A 67 -6.14 -9.07 6.84
CA VAL A 67 -5.89 -8.44 5.56
C VAL A 67 -6.78 -7.20 5.42
N ILE A 68 -6.16 -6.07 5.11
CA ILE A 68 -6.86 -4.79 4.96
C ILE A 68 -6.56 -4.22 3.58
N TYR A 69 -7.61 -3.89 2.83
CA TYR A 69 -7.42 -3.21 1.55
C TYR A 69 -7.69 -1.72 1.72
N LEU A 70 -6.83 -0.88 1.17
CA LEU A 70 -7.12 0.55 1.10
C LEU A 70 -7.66 0.85 -0.29
N ARG A 71 -8.64 1.73 -0.37
CA ARG A 71 -9.12 2.24 -1.66
C ARG A 71 -9.16 3.75 -1.63
N HIS A 72 -8.63 4.39 -2.67
CA HIS A 72 -8.71 5.83 -2.79
C HIS A 72 -10.02 6.15 -3.51
N ILE A 73 -10.96 6.72 -2.76
CA ILE A 73 -12.32 6.95 -3.25
C ILE A 73 -12.81 8.28 -2.67
N VAL A 74 -13.41 9.11 -3.54
CA VAL A 74 -14.02 10.39 -3.10
C VAL A 74 -15.51 10.40 -3.50
N ARG A 75 -16.28 11.37 -2.97
CA ARG A 75 -17.72 11.34 -3.17
C ARG A 75 -18.09 11.58 -4.62
N GLY A 76 -17.32 12.43 -5.29
CA GLY A 76 -17.61 12.79 -6.67
C GLY A 76 -18.14 14.20 -6.88
N ASP A 77 -18.61 14.84 -5.80
CA ASP A 77 -19.21 16.18 -5.91
C ASP A 77 -18.23 17.30 -5.58
N GLY A 78 -16.97 16.95 -5.28
CA GLY A 78 -15.98 17.96 -4.91
C GLY A 78 -16.02 18.42 -3.45
N SER A 79 -16.97 17.91 -2.66
CA SER A 79 -17.09 18.33 -1.24
C SER A 79 -15.94 17.86 -0.37
N ASP A 80 -15.18 16.88 -0.86
CA ASP A 80 -14.15 16.22 -0.05
C ASP A 80 -12.80 16.25 -0.75
N THR A 81 -12.67 17.15 -1.75
CA THR A 81 -11.40 17.34 -2.44
C THR A 81 -11.07 18.82 -2.51
N GLY A 82 -9.91 19.16 -1.98
CA GLY A 82 -9.40 20.54 -2.00
C GLY A 82 -8.05 20.47 -2.69
N ARG A 83 -6.98 20.30 -1.90
CA ARG A 83 -5.64 20.12 -2.48
C ARG A 83 -5.55 18.97 -3.48
N MET A 84 -6.26 17.86 -3.20
CA MET A 84 -6.27 16.70 -4.11
C MET A 84 -6.77 17.14 -5.50
N ARG A 85 -7.79 18.00 -5.52
CA ARG A 85 -8.33 18.50 -6.81
C ARG A 85 -7.40 19.53 -7.48
N ASP A 86 -6.66 20.29 -6.69
CA ASP A 86 -5.66 21.22 -7.28
C ASP A 86 -4.56 20.45 -7.99
N LEU A 87 -4.16 19.33 -7.40
CA LEU A 87 -3.07 18.52 -7.95
C LEU A 87 -3.56 17.58 -9.06
N TYR A 88 -4.75 17.03 -8.89
CA TYR A 88 -5.34 16.17 -9.92
C TYR A 88 -6.72 16.75 -10.29
N PRO A 89 -6.76 17.66 -11.27
CA PRO A 89 -8.00 18.37 -11.63
C PRO A 89 -9.20 17.49 -11.97
N ASN A 90 -8.97 16.27 -12.44
CA ASN A 90 -10.07 15.38 -12.81
C ASN A 90 -10.46 14.40 -11.69
N VAL A 91 -9.91 14.60 -10.49
CA VAL A 91 -10.08 13.60 -9.43
C VAL A 91 -11.55 13.24 -9.18
N ASP A 92 -12.45 14.23 -9.23
CA ASP A 92 -13.85 13.95 -8.88
C ASP A 92 -14.55 13.08 -9.91
N GLN A 93 -13.96 13.00 -11.11
CA GLN A 93 -14.53 12.25 -12.21
C GLN A 93 -13.87 10.91 -12.45
N ILE A 94 -12.78 10.64 -11.73
CA ILE A 94 -12.07 9.36 -11.89
C ILE A 94 -11.98 8.50 -10.62
N LEU A 95 -12.09 9.14 -9.45
CA LEU A 95 -12.03 8.41 -8.18
C LEU A 95 -13.37 8.51 -7.43
N ALA A 96 -14.41 8.92 -8.14
CA ALA A 96 -15.75 9.03 -7.54
C ALA A 96 -16.26 7.65 -7.10
N ARG A 97 -17.00 7.57 -6.00
CA ARG A 97 -17.48 6.27 -5.55
CA ARG A 97 -17.60 6.32 -5.50
C ARG A 97 -18.28 5.53 -6.64
N HIS A 98 -19.01 6.25 -7.48
CA HIS A 98 -19.82 5.61 -8.54
C HIS A 98 -18.97 5.12 -9.71
N ASP A 99 -17.71 5.50 -9.77
CA ASP A 99 -16.86 5.11 -10.92
C ASP A 99 -16.48 3.64 -10.84
N PRO A 100 -16.77 2.83 -11.89
CA PRO A 100 -16.42 1.40 -11.81
C PRO A 100 -14.95 1.11 -11.49
N ASP A 101 -14.07 2.00 -11.92
CA ASP A 101 -12.64 1.73 -11.75
C ASP A 101 -12.08 1.94 -10.34
N VAL A 102 -12.93 2.38 -9.40
CA VAL A 102 -12.44 2.47 -8.01
C VAL A 102 -12.46 1.11 -7.31
N GLU A 103 -13.05 0.10 -7.94
CA GLU A 103 -13.12 -1.23 -7.32
C GLU A 103 -11.77 -1.94 -7.34
N VAL A 104 -11.51 -2.74 -6.30
CA VAL A 104 -10.32 -3.59 -6.26
C VAL A 104 -10.35 -4.61 -7.42
N ILE A 105 -9.19 -4.84 -8.03
CA ILE A 105 -9.11 -5.80 -9.12
C ILE A 105 -9.55 -7.20 -8.71
N GLU A 106 -10.18 -7.89 -9.67
CA GLU A 106 -10.74 -9.22 -9.39
C GLU A 106 -9.66 -10.23 -8.97
N ALA A 107 -8.45 -10.07 -9.51
CA ALA A 107 -7.34 -10.96 -9.16
C ALA A 107 -7.00 -10.91 -7.67
N LEU A 108 -7.42 -9.82 -7.00
CA LEU A 108 -7.17 -9.66 -5.57
C LEU A 108 -8.47 -9.44 -4.80
N ALA A 109 -9.58 -9.96 -5.34
CA ALA A 109 -10.91 -9.68 -4.77
C ALA A 109 -10.96 -9.91 -3.27
N PRO A 110 -11.35 -8.88 -2.50
CA PRO A 110 -11.46 -9.05 -1.06
C PRO A 110 -12.40 -10.18 -0.70
N GLN A 111 -12.04 -10.91 0.35
CA GLN A 111 -12.85 -12.01 0.87
CA GLN A 111 -12.86 -11.99 0.86
C GLN A 111 -13.69 -11.49 2.02
N SER A 112 -14.70 -12.27 2.42
CA SER A 112 -15.70 -11.80 3.39
C SER A 112 -15.16 -11.31 4.74
N ASP A 113 -14.09 -11.91 5.25
CA ASP A 113 -13.48 -11.49 6.53
C ASP A 113 -12.43 -10.39 6.41
N ASP A 114 -12.09 -10.02 5.18
CA ASP A 114 -11.11 -8.95 4.97
C ASP A 114 -11.75 -7.60 5.30
N VAL A 115 -10.91 -6.60 5.56
CA VAL A 115 -11.39 -5.26 5.90
C VAL A 115 -11.07 -4.32 4.74
N ILE A 116 -12.02 -3.46 4.40
CA ILE A 116 -11.81 -2.46 3.35
C ILE A 116 -11.88 -1.07 4.03
N VAL A 117 -10.80 -0.28 3.86
CA VAL A 117 -10.73 1.06 4.42
C VAL A 117 -10.60 2.05 3.28
N ASP A 118 -11.52 3.02 3.21
CA ASP A 118 -11.51 4.01 2.13
C ASP A 118 -10.82 5.28 2.59
N LYS A 119 -10.20 6.00 1.67
CA LYS A 119 -9.45 7.21 2.01
C LYS A 119 -9.59 8.25 0.93
N LEU A 120 -9.50 9.52 1.32
CA LEU A 120 -9.71 10.64 0.41
C LEU A 120 -8.44 11.13 -0.28
N PHE A 121 -7.27 10.74 0.24
CA PHE A 121 -6.02 11.31 -0.25
C PHE A 121 -5.02 10.15 -0.34
N TYR A 122 -3.76 10.40 -0.04
CA TYR A 122 -2.74 9.35 -0.24
C TYR A 122 -2.55 8.43 0.97
N SER A 123 -2.47 9.05 2.15
CA SER A 123 -2.18 8.36 3.39
C SER A 123 -3.26 7.34 3.72
N GLY A 124 -2.83 6.12 4.08
CA GLY A 124 -3.81 5.14 4.58
C GLY A 124 -4.27 5.41 6.00
N PHE A 125 -3.54 6.28 6.70
CA PHE A 125 -3.82 6.59 8.13
C PHE A 125 -4.53 7.90 8.38
N HIS A 126 -4.17 8.95 7.65
CA HIS A 126 -4.68 10.28 7.99
C HIS A 126 -6.19 10.41 7.73
N ASN A 127 -6.95 10.58 8.83
CA ASN A 127 -8.40 10.78 8.78
C ASN A 127 -9.12 9.54 8.25
N THR A 128 -8.55 8.36 8.48
CA THR A 128 -9.23 7.13 8.02
C THR A 128 -9.52 6.21 9.17
N ASP A 129 -10.30 5.17 8.87
CA ASP A 129 -10.61 4.14 9.88
C ASP A 129 -9.41 3.26 10.30
N LEU A 130 -8.28 3.37 9.61
CA LEU A 130 -7.23 2.34 9.72
C LEU A 130 -6.69 2.19 11.14
N ASP A 131 -6.43 3.31 11.84
CA ASP A 131 -5.86 3.20 13.17
CA ASP A 131 -5.87 3.23 13.20
C ASP A 131 -6.80 2.49 14.14
N THR A 132 -8.10 2.73 13.97
CA THR A 132 -9.10 2.05 14.84
C THR A 132 -9.06 0.54 14.56
N VAL A 133 -9.08 0.15 13.29
CA VAL A 133 -9.07 -1.25 12.89
C VAL A 133 -7.81 -1.97 13.47
N LEU A 134 -6.66 -1.32 13.36
CA LEU A 134 -5.41 -1.93 13.80
C LEU A 134 -5.34 -1.99 15.31
N ARG A 135 -5.61 -0.87 15.98
CA ARG A 135 -5.45 -0.86 17.44
C ARG A 135 -6.52 -1.69 18.15
N ALA A 136 -7.73 -1.75 17.58
CA ALA A 136 -8.78 -2.62 18.15
C ALA A 136 -8.33 -4.09 18.23
N ARG A 137 -7.50 -4.51 17.27
CA ARG A 137 -6.99 -5.89 17.22
C ARG A 137 -5.63 -6.03 17.94
N ASP A 138 -5.15 -4.93 18.50
CA ASP A 138 -3.83 -4.84 19.16
C ASP A 138 -2.69 -5.10 18.16
N VAL A 139 -2.90 -4.72 16.90
CA VAL A 139 -1.84 -4.89 15.90
C VAL A 139 -0.81 -3.79 16.08
N ASP A 140 0.47 -4.16 16.01
CA ASP A 140 1.55 -3.15 16.05
C ASP A 140 2.55 -3.30 14.90
N THR A 141 2.28 -4.25 14.01
CA THR A 141 3.17 -4.54 12.91
C THR A 141 2.36 -4.61 11.63
N ILE A 142 2.77 -3.85 10.62
CA ILE A 142 2.05 -3.83 9.34
C ILE A 142 2.97 -4.14 8.16
N ILE A 143 2.45 -4.94 7.22
CA ILE A 143 3.20 -5.31 6.01
C ILE A 143 2.52 -4.56 4.86
N VAL A 144 3.28 -3.74 4.13
CA VAL A 144 2.68 -2.84 3.14
C VAL A 144 3.04 -3.30 1.74
N CYS A 145 2.01 -3.43 0.89
CA CYS A 145 2.18 -3.71 -0.53
C CYS A 145 1.15 -2.90 -1.32
N GLY A 146 1.32 -2.85 -2.64
CA GLY A 146 0.36 -2.12 -3.49
C GLY A 146 1.00 -1.04 -4.32
N THR A 147 0.28 0.09 -4.55
CA THR A 147 0.76 1.14 -5.44
C THR A 147 0.18 2.49 -4.94
N VAL A 148 0.82 3.65 -5.16
CA VAL A 148 2.12 3.83 -5.81
C VAL A 148 3.23 3.88 -4.74
N THR A 149 4.35 3.19 -5.01
CA THR A 149 5.40 3.00 -4.00
C THR A 149 5.71 4.25 -3.21
N ASN A 150 6.00 5.33 -3.91
CA ASN A 150 6.53 6.53 -3.24
C ASN A 150 5.42 7.48 -2.81
N VAL A 151 4.18 7.17 -3.17
CA VAL A 151 3.08 8.09 -2.92
C VAL A 151 2.18 7.49 -1.86
N CYS A 152 1.14 6.75 -2.25
CA CYS A 152 0.26 6.19 -1.22
C CYS A 152 0.93 5.15 -0.33
N CYS A 153 1.78 4.27 -0.91
CA CYS A 153 2.46 3.27 -0.08
C CYS A 153 3.39 3.97 0.92
N GLU A 154 4.28 4.82 0.41
CA GLU A 154 5.22 5.52 1.31
C GLU A 154 4.54 6.44 2.33
N THR A 155 3.47 7.13 1.94
CA THR A 155 2.78 7.98 2.93
C THR A 155 2.18 7.12 4.04
N THR A 156 1.58 5.99 3.67
CA THR A 156 1.10 5.04 4.66
C THR A 156 2.24 4.54 5.59
N ILE A 157 3.38 4.18 5.00
CA ILE A 157 4.57 3.82 5.76
C ILE A 157 5.06 4.93 6.70
N ARG A 158 5.27 6.15 6.19
CA ARG A 158 5.70 7.28 7.04
C ARG A 158 4.70 7.55 8.16
N ASP A 159 3.41 7.56 7.81
CA ASP A 159 2.38 7.80 8.82
C ASP A 159 2.27 6.67 9.86
N GLY A 160 2.56 5.44 9.42
CA GLY A 160 2.55 4.30 10.30
C GLY A 160 3.69 4.39 11.31
N VAL A 161 4.92 4.62 10.81
CA VAL A 161 6.06 4.68 11.75
C VAL A 161 5.90 5.84 12.76
N HIS A 162 5.30 6.95 12.34
CA HIS A 162 5.08 8.10 13.25
C HIS A 162 4.04 7.78 14.36
N ARG A 163 3.22 6.76 14.12
CA ARG A 163 2.28 6.23 15.13
C ARG A 163 2.89 5.06 15.91
N GLU A 164 4.19 4.80 15.67
CA GLU A 164 5.00 3.78 16.37
C GLU A 164 4.75 2.35 15.85
N TYR A 165 4.10 2.23 14.69
CA TYR A 165 3.95 0.90 14.10
C TYR A 165 5.31 0.44 13.58
N LYS A 166 5.52 -0.88 13.69
CA LYS A 166 6.64 -1.56 13.09
CA LYS A 166 6.65 -1.55 13.08
C LYS A 166 6.24 -1.88 11.65
N VAL A 167 6.89 -1.20 10.69
CA VAL A 167 6.43 -1.29 9.30
C VAL A 167 7.42 -2.13 8.46
N ILE A 168 6.86 -3.05 7.67
CA ILE A 168 7.63 -3.87 6.73
C ILE A 168 7.12 -3.53 5.34
N ALA A 169 8.01 -3.02 4.48
CA ALA A 169 7.66 -2.77 3.07
C ALA A 169 8.22 -3.91 2.22
N LEU A 170 7.39 -4.41 1.32
CA LEU A 170 7.82 -5.54 0.45
C LEU A 170 8.45 -4.99 -0.85
N SER A 171 9.75 -5.25 -1.02
CA SER A 171 10.48 -4.76 -2.19
C SER A 171 9.91 -5.21 -3.53
N ASP A 172 9.33 -6.41 -3.57
CA ASP A 172 8.84 -6.94 -4.85
C ASP A 172 7.30 -6.88 -4.96
N ALA A 173 6.67 -6.13 -4.06
CA ALA A 173 5.20 -6.05 -4.07
C ALA A 173 4.68 -4.62 -3.89
N ASN A 174 5.50 -3.65 -4.25
CA ASN A 174 5.09 -2.24 -4.30
C ASN A 174 5.49 -1.75 -5.68
N ALA A 175 4.55 -1.12 -6.37
CA ALA A 175 4.74 -0.70 -7.77
C ALA A 175 4.86 0.81 -7.90
N ALA A 176 5.93 1.29 -8.56
CA ALA A 176 6.13 2.71 -8.79
C ALA A 176 5.80 3.11 -10.23
N MET A 177 5.66 4.40 -10.45
CA MET A 177 5.33 4.90 -11.78
CA MET A 177 5.26 4.99 -11.73
C MET A 177 6.39 5.88 -12.25
N ASP A 178 6.52 5.99 -13.57
CA ASP A 178 7.43 6.98 -14.20
C ASP A 178 6.82 8.36 -13.98
N TYR A 179 7.64 9.40 -13.96
CA TYR A 179 7.16 10.79 -13.91
C TYR A 179 7.69 11.52 -15.12
N PRO A 180 6.93 12.53 -15.61
CA PRO A 180 7.49 13.37 -16.68
C PRO A 180 8.55 14.30 -16.10
N ASP A 181 9.40 14.83 -16.95
CA ASP A 181 10.36 15.85 -16.53
C ASP A 181 9.63 17.17 -16.23
N VAL A 182 9.64 17.57 -14.96
CA VAL A 182 8.99 18.83 -14.56
C VAL A 182 10.00 19.95 -14.26
N GLY A 183 11.27 19.71 -14.60
CA GLY A 183 12.33 20.70 -14.42
C GLY A 183 13.60 20.12 -13.85
N PHE A 184 13.52 18.86 -13.40
CA PHE A 184 14.64 18.27 -12.68
C PHE A 184 15.17 17.03 -13.36
N GLY A 185 14.69 16.79 -14.57
CA GLY A 185 15.15 15.66 -15.36
C GLY A 185 14.06 14.60 -15.38
N ALA A 186 14.22 13.64 -16.28
CA ALA A 186 13.31 12.51 -16.40
C ALA A 186 13.46 11.66 -15.15
N VAL A 187 12.36 11.02 -14.74
CA VAL A 187 12.38 10.14 -13.56
C VAL A 187 11.67 8.83 -13.89
N SER A 188 12.43 7.72 -13.89
CA SER A 188 11.82 6.44 -14.22
C SER A 188 11.22 5.77 -13.00
N ALA A 189 10.29 4.85 -13.21
CA ALA A 189 9.79 4.02 -12.12
C ALA A 189 10.89 3.30 -11.38
N ALA A 190 11.89 2.80 -12.11
CA ALA A 190 13.02 2.10 -11.46
C ALA A 190 13.79 3.02 -10.51
N ASP A 191 13.98 4.27 -10.90
CA ASP A 191 14.68 5.21 -10.04
C ASP A 191 13.83 5.56 -8.80
N VAL A 192 12.54 5.80 -9.02
CA VAL A 192 11.61 6.03 -7.91
C VAL A 192 11.69 4.88 -6.91
N GLN A 193 11.59 3.67 -7.42
CA GLN A 193 11.61 2.47 -6.59
C GLN A 193 12.91 2.32 -5.79
N ARG A 194 14.06 2.50 -6.46
CA ARG A 194 15.39 2.43 -5.84
CA ARG A 194 15.36 2.40 -5.83
C ARG A 194 15.48 3.43 -4.68
N ILE A 195 15.09 4.67 -4.95
CA ILE A 195 15.18 5.71 -3.94
C ILE A 195 14.19 5.46 -2.79
N SER A 196 12.98 5.05 -3.11
CA SER A 196 11.97 4.81 -2.08
CA SER A 196 11.96 4.79 -2.08
C SER A 196 12.36 3.67 -1.14
N LEU A 197 12.76 2.53 -1.70
CA LEU A 197 13.08 1.37 -0.87
C LEU A 197 14.30 1.65 0.03
N THR A 198 15.28 2.36 -0.55
CA THR A 198 16.49 2.73 0.21
C THR A 198 16.10 3.67 1.38
N THR A 199 15.26 4.65 1.07
CA THR A 199 14.78 5.59 2.09
C THR A 199 14.00 4.86 3.19
N ILE A 200 13.11 3.98 2.78
CA ILE A 200 12.36 3.20 3.79
C ILE A 200 13.30 2.39 4.68
N ALA A 201 14.28 1.70 4.07
CA ALA A 201 15.21 0.87 4.86
C ALA A 201 16.10 1.70 5.82
N TYR A 202 16.37 2.96 5.45
CA TYR A 202 17.26 3.78 6.27
C TYR A 202 16.47 4.57 7.31
N GLU A 203 15.23 4.94 6.97
CA GLU A 203 14.50 5.93 7.78
C GLU A 203 13.22 5.41 8.47
N PHE A 204 12.52 4.46 7.85
CA PHE A 204 11.13 4.21 8.29
C PHE A 204 10.81 2.81 8.79
N GLY A 205 11.57 1.79 8.39
CA GLY A 205 11.24 0.44 8.89
C GLY A 205 12.05 -0.62 8.15
N GLU A 206 11.42 -1.77 7.92
CA GLU A 206 12.09 -2.91 7.29
C GLU A 206 11.73 -2.98 5.81
N VAL A 207 12.69 -3.34 4.96
CA VAL A 207 12.36 -3.76 3.60
C VAL A 207 12.76 -5.24 3.45
N THR A 208 11.83 -6.06 2.95
CA THR A 208 12.15 -7.45 2.67
C THR A 208 11.30 -7.93 1.51
N THR A 209 11.49 -9.19 1.10
CA THR A 209 10.69 -9.72 -0.02
C THR A 209 9.41 -10.37 0.45
N THR A 210 8.46 -10.46 -0.47
CA THR A 210 7.20 -11.17 -0.18
C THR A 210 7.47 -12.59 0.30
N ALA A 211 8.37 -13.30 -0.40
CA ALA A 211 8.68 -14.70 -0.06
C ALA A 211 9.21 -14.81 1.36
N GLU A 212 10.11 -13.91 1.75
CA GLU A 212 10.65 -13.99 3.10
CA GLU A 212 10.69 -13.93 3.08
C GLU A 212 9.61 -13.65 4.16
N VAL A 213 8.76 -12.67 3.89
CA VAL A 213 7.71 -12.39 4.88
C VAL A 213 6.69 -13.54 5.04
N ILE A 214 6.38 -14.22 3.94
CA ILE A 214 5.51 -15.40 3.96
C ILE A 214 6.14 -16.51 4.82
N ARG A 215 7.44 -16.73 4.63
CA ARG A 215 8.16 -17.75 5.43
C ARG A 215 8.14 -17.43 6.91
N ARG A 216 8.30 -16.14 7.21
CA ARG A 216 8.32 -15.65 8.57
CA ARG A 216 8.32 -15.67 8.57
C ARG A 216 6.95 -15.79 9.22
N ILE A 217 5.89 -15.56 8.42
CA ILE A 217 4.51 -15.73 8.88
C ILE A 217 4.22 -17.22 9.16
N GLU A 218 4.63 -18.09 8.22
CA GLU A 218 4.41 -19.55 8.35
C GLU A 218 5.14 -20.15 9.55
N SER A 219 6.34 -19.64 9.83
CA SER A 219 7.17 -20.17 10.91
C SER A 219 6.68 -19.74 12.29
N ALA A 220 6.10 -18.54 12.35
CA ALA A 220 5.57 -17.99 13.59
C ALA A 220 4.22 -18.60 13.96
N TYR A 221 3.53 -19.13 12.95
CA TYR A 221 2.21 -19.74 13.13
C TYR A 221 2.34 -21.23 13.34
C1 GOL B . 13.17 -5.21 -7.05
O1 GOL B . 12.23 -6.16 -6.58
C2 GOL B . 12.99 -3.89 -6.30
O2 GOL B . 11.66 -3.42 -6.42
C3 GOL B . 13.96 -2.85 -6.86
O3 GOL B . 13.55 -2.40 -8.15
P PO4 C . -0.58 12.42 10.25
O1 PO4 C . -2.00 11.88 10.21
O2 PO4 C . 0.37 11.25 10.18
O3 PO4 C . -0.36 13.34 9.05
O4 PO4 C . -0.30 13.22 11.51
#